data_2VPG
#
_entry.id   2VPG
#
_cell.length_a   105.750
_cell.length_b   105.750
_cell.length_c   51.420
_cell.angle_alpha   90.00
_cell.angle_beta   90.00
_cell.angle_gamma   90.00
#
_symmetry.space_group_name_H-M   'P 4 21 2'
#
loop_
_entity.id
_entity.type
_entity.pdbx_description
1 polymer 'PYGOPUS HOMOLOG 1'
2 polymer 'B-CELL CLL/LYMPHOMA 9 PROTEIN'
3 polymer 'HISTONE H3 TAIL'
4 non-polymer GLYCEROL
5 non-polymer 'ZINC ION'
6 water water
#
loop_
_entity_poly.entity_id
_entity_poly.type
_entity_poly.pdbx_seq_one_letter_code
_entity_poly.pdbx_strand_id
1 'polypeptide(L)' GAMAVYPCGICTNEVNDDQDAILCEASCQKWFHRICTGMTETAYGLLTAEASAVWGCDTCMAD A,C
2 'polypeptide(L)' GAMVYVFSTEMANKAAEAVLKGQVETIVSFHI B,D
3 'polypeptide(L)' A(DA2)T(MLY)QTARKSTGGKAPRK P,R
#
loop_
_chem_comp.id
_chem_comp.type
_chem_comp.name
_chem_comp.formula
GOL non-polymer GLYCEROL 'C3 H8 O3'
ZN non-polymer 'ZINC ION' 'Zn 2'
#
# COMPACT_ATOMS: atom_id res chain seq x y z
N MET A 3 -11.01 -7.64 -16.76
CA MET A 3 -10.08 -8.30 -17.73
C MET A 3 -8.92 -7.36 -18.09
N ALA A 4 -8.16 -6.99 -17.06
CA ALA A 4 -7.08 -6.02 -17.21
C ALA A 4 -5.93 -6.61 -18.00
N VAL A 5 -5.19 -5.73 -18.65
CA VAL A 5 -3.98 -6.04 -19.37
C VAL A 5 -2.79 -5.73 -18.46
N TYR A 6 -2.92 -4.63 -17.71
CA TYR A 6 -1.92 -4.20 -16.74
C TYR A 6 -2.58 -3.96 -15.37
N PRO A 7 -2.89 -5.04 -14.65
CA PRO A 7 -3.52 -4.85 -13.33
C PRO A 7 -2.54 -4.18 -12.38
N CYS A 8 -3.01 -3.18 -11.63
CA CYS A 8 -2.16 -2.48 -10.68
C CYS A 8 -1.63 -3.45 -9.65
N GLY A 9 -0.32 -3.37 -9.40
CA GLY A 9 0.37 -4.27 -8.45
C GLY A 9 -0.15 -4.14 -7.03
N ILE A 10 -0.82 -3.02 -6.76
CA ILE A 10 -1.44 -2.81 -5.45
C ILE A 10 -2.93 -3.07 -5.45
N CYS A 11 -3.71 -2.33 -6.26
CA CYS A 11 -5.17 -2.43 -6.14
C CYS A 11 -5.80 -3.45 -7.10
N THR A 12 -5.03 -3.93 -8.09
CA THR A 12 -5.46 -4.90 -9.16
C THR A 12 -6.41 -4.35 -10.23
N ASN A 13 -6.86 -3.10 -10.09
CA ASN A 13 -7.61 -2.45 -11.16
C ASN A 13 -6.71 -2.11 -12.33
N GLU A 14 -7.27 -2.07 -13.54
CA GLU A 14 -6.48 -1.74 -14.73
C GLU A 14 -5.68 -0.44 -14.58
N VAL A 15 -4.45 -0.44 -15.06
CA VAL A 15 -3.68 0.78 -15.15
C VAL A 15 -3.83 1.27 -16.60
N ASN A 16 -4.58 2.35 -16.76
CA ASN A 16 -4.84 2.99 -18.07
C ASN A 16 -3.77 4.02 -18.44
N ASP A 17 -3.66 4.33 -19.73
CA ASP A 17 -2.67 5.32 -20.19
C ASP A 17 -2.93 6.76 -19.74
N ASP A 18 -4.18 7.04 -19.38
CA ASP A 18 -4.56 8.37 -18.92
C ASP A 18 -4.53 8.53 -17.38
N GLN A 19 -3.95 7.56 -16.67
CA GLN A 19 -3.83 7.62 -15.22
C GLN A 19 -2.37 7.81 -14.88
N ASP A 20 -2.05 8.58 -13.82
CA ASP A 20 -0.67 8.60 -13.33
C ASP A 20 -0.31 7.20 -12.84
N ALA A 21 0.71 6.61 -13.45
CA ALA A 21 1.15 5.29 -13.04
C ALA A 21 2.61 5.10 -13.42
N ILE A 22 3.27 4.19 -12.70
CA ILE A 22 4.71 3.92 -12.85
C ILE A 22 4.97 2.41 -12.88
N LEU A 23 5.94 2.03 -13.67
CA LEU A 23 6.38 0.65 -13.80
C LEU A 23 7.47 0.32 -12.77
N CYS A 24 7.32 -0.80 -12.07
CA CYS A 24 8.38 -1.29 -11.19
C CYS A 24 9.50 -1.88 -12.06
N GLU A 25 10.39 -1.00 -12.53
CA GLU A 25 11.50 -1.46 -13.38
C GLU A 25 12.57 -2.13 -12.54
N ALA A 26 12.56 -1.84 -11.24
CA ALA A 26 13.50 -2.43 -10.28
C ALA A 26 13.43 -3.95 -10.24
N SER A 27 12.22 -4.52 -10.26
CA SER A 27 12.09 -5.97 -10.26
C SER A 27 10.85 -6.53 -10.93
N CYS A 28 9.69 -6.35 -10.30
CA CYS A 28 8.52 -7.15 -10.65
C CYS A 28 7.84 -6.79 -11.96
N GLN A 29 8.17 -5.62 -12.51
CA GLN A 29 7.63 -5.18 -13.82
C GLN A 29 6.10 -5.04 -13.87
N LYS A 30 5.47 -4.91 -12.70
CA LYS A 30 4.05 -4.54 -12.69
C LYS A 30 3.93 -3.02 -12.79
N TRP A 31 2.83 -2.55 -13.39
CA TRP A 31 2.45 -1.14 -13.32
C TRP A 31 1.66 -0.89 -12.01
N PHE A 32 1.82 0.32 -11.47
CA PHE A 32 1.16 0.71 -10.21
C PHE A 32 0.62 2.10 -10.38
N HIS A 33 -0.65 2.32 -10.03
CA HIS A 33 -1.14 3.70 -9.97
C HIS A 33 -0.30 4.52 -8.98
N ARG A 34 0.05 5.74 -9.39
CA ARG A 34 0.79 6.67 -8.51
C ARG A 34 0.14 6.77 -7.12
N ILE A 35 -1.17 6.99 -7.12
CA ILE A 35 -1.93 7.18 -5.90
C ILE A 35 -1.82 5.94 -5.00
N CYS A 36 -1.96 4.75 -5.60
CA CYS A 36 -1.84 3.52 -4.82
C CYS A 36 -0.48 3.44 -4.10
N THR A 37 0.57 3.90 -4.75
CA THR A 37 1.90 3.80 -4.17
C THR A 37 2.17 4.82 -3.07
N GLY A 38 1.36 5.87 -2.99
CA GLY A 38 1.63 6.95 -2.04
C GLY A 38 2.67 7.94 -2.57
N MET A 39 2.99 7.83 -3.86
CA MET A 39 3.92 8.76 -4.50
C MET A 39 3.24 10.11 -4.76
N THR A 40 3.93 11.21 -4.42
CA THR A 40 3.38 12.54 -4.67
C THR A 40 3.44 12.85 -6.18
N GLU A 41 2.65 13.84 -6.60
CA GLU A 41 2.67 14.31 -7.98
C GLU A 41 4.09 14.78 -8.33
N THR A 42 4.72 15.49 -7.41
CA THR A 42 6.06 16.00 -7.68
C THR A 42 7.07 14.85 -7.85
N ALA A 43 7.04 13.84 -6.97
CA ALA A 43 7.96 12.69 -7.10
C ALA A 43 7.73 12.00 -8.45
N TYR A 44 6.46 11.92 -8.84
CA TYR A 44 6.07 11.27 -10.09
C TYR A 44 6.65 12.01 -11.30
N GLY A 45 6.51 13.34 -11.29
CA GLY A 45 7.10 14.19 -12.33
C GLY A 45 8.62 14.09 -12.35
N LEU A 46 9.24 14.03 -11.17
CA LEU A 46 10.70 13.92 -11.03
C LEU A 46 11.19 12.60 -11.63
N LEU A 47 10.53 11.51 -11.23
CA LEU A 47 10.91 10.19 -11.74
C LEU A 47 10.71 10.09 -13.24
N THR A 48 9.66 10.71 -13.76
CA THR A 48 9.43 10.78 -15.21
C THR A 48 10.60 11.49 -15.92
N ALA A 49 11.03 12.60 -15.34
CA ALA A 49 12.06 13.47 -15.92
C ALA A 49 13.48 12.88 -15.86
N GLU A 50 13.69 11.97 -14.90
CA GLU A 50 14.98 11.32 -14.69
C GLU A 50 15.17 10.11 -15.62
N ALA A 51 15.76 10.36 -16.79
CA ALA A 51 16.08 9.32 -17.78
C ALA A 51 16.82 8.11 -17.18
N SER A 52 17.69 8.37 -16.21
CA SER A 52 18.56 7.33 -15.63
C SER A 52 18.02 6.70 -14.36
N ALA A 53 16.87 7.17 -13.89
CA ALA A 53 16.30 6.64 -12.66
C ALA A 53 15.26 5.56 -12.96
N VAL A 54 15.19 4.58 -12.08
CA VAL A 54 14.11 3.60 -12.09
C VAL A 54 13.49 3.51 -10.71
N TRP A 55 12.25 3.06 -10.69
CA TRP A 55 11.50 2.95 -9.46
C TRP A 55 11.26 1.46 -9.15
N GLY A 56 11.32 1.15 -7.87
CA GLY A 56 10.87 -0.14 -7.36
C GLY A 56 9.76 -0.01 -6.31
N CYS A 57 8.78 -0.92 -6.35
CA CYS A 57 7.67 -0.91 -5.40
C CYS A 57 8.18 -1.34 -4.03
N ASP A 58 7.38 -1.09 -2.99
CA ASP A 58 7.81 -1.35 -1.62
C ASP A 58 8.24 -2.81 -1.38
N THR A 59 7.48 -3.77 -1.94
CA THR A 59 7.83 -5.19 -1.87
C THR A 59 9.18 -5.52 -2.47
N CYS A 60 9.43 -5.02 -3.69
CA CYS A 60 10.66 -5.29 -4.42
C CYS A 60 11.85 -4.63 -3.75
N MET A 61 11.66 -3.41 -3.24
CA MET A 61 12.75 -2.70 -2.57
C MET A 61 13.11 -3.34 -1.23
N ALA A 62 12.13 -3.92 -0.56
CA ALA A 62 12.35 -4.61 0.70
C ALA A 62 13.23 -5.86 0.51
N ASP A 63 13.08 -6.53 -0.63
CA ASP A 63 13.86 -7.73 -0.95
C ASP A 63 15.34 -7.40 -1.09
N GLY B 1 23.25 8.07 -19.80
CA GLY B 1 24.42 7.22 -19.40
C GLY B 1 24.07 5.76 -19.18
N ALA B 2 25.07 4.96 -18.79
CA ALA B 2 24.90 3.53 -18.57
C ALA B 2 24.36 3.22 -17.17
N MET B 3 24.60 4.13 -16.23
CA MET B 3 24.20 3.96 -14.83
C MET B 3 22.68 4.03 -14.65
N VAL B 4 22.18 3.26 -13.69
CA VAL B 4 20.76 3.24 -13.35
C VAL B 4 20.63 3.46 -11.84
N TYR B 5 19.84 4.48 -11.48
CA TYR B 5 19.69 4.86 -10.08
C TYR B 5 18.30 4.45 -9.62
N VAL B 6 18.24 3.66 -8.56
CA VAL B 6 17.00 3.03 -8.11
C VAL B 6 16.39 3.74 -6.88
N PHE B 7 15.16 4.25 -7.07
CA PHE B 7 14.37 4.95 -6.05
C PHE B 7 13.20 4.09 -5.55
N SER B 8 13.07 3.99 -4.24
CA SER B 8 11.82 3.62 -3.61
C SER B 8 10.87 4.82 -3.67
N THR B 9 9.59 4.59 -3.35
CA THR B 9 8.64 5.69 -3.25
C THR B 9 9.06 6.69 -2.17
N GLU B 10 9.45 6.18 -1.01
CA GLU B 10 9.89 7.05 0.08
C GLU B 10 11.04 7.94 -0.37
N MET B 11 12.04 7.37 -1.01
CA MET B 11 13.18 8.14 -1.51
C MET B 11 12.81 9.14 -2.61
N ALA B 12 11.88 8.75 -3.48
CA ALA B 12 11.43 9.65 -4.54
C ALA B 12 10.67 10.84 -3.93
N ASN B 13 9.84 10.55 -2.92
CA ASN B 13 9.05 11.59 -2.25
C ASN B 13 9.96 12.61 -1.57
N LYS B 14 10.93 12.10 -0.81
CA LYS B 14 11.93 12.95 -0.17
C LYS B 14 12.76 13.74 -1.17
N ALA B 15 13.24 13.07 -2.22
CA ALA B 15 14.04 13.72 -3.26
C ALA B 15 13.29 14.86 -3.92
N ALA B 16 12.01 14.61 -4.23
CA ALA B 16 11.13 15.59 -4.85
C ALA B 16 11.03 16.86 -3.99
N GLU B 17 10.81 16.68 -2.69
CA GLU B 17 10.67 17.85 -1.82
C GLU B 17 11.97 18.62 -1.76
N ALA B 18 13.09 17.89 -1.67
CA ALA B 18 14.40 18.52 -1.63
C ALA B 18 14.72 19.27 -2.94
N VAL B 19 14.34 18.69 -4.08
CA VAL B 19 14.56 19.31 -5.40
C VAL B 19 13.90 20.69 -5.51
N LEU B 20 12.72 20.83 -4.88
CA LEU B 20 12.01 22.10 -4.88
C LEU B 20 12.73 23.17 -4.06
N LYS B 21 13.48 22.71 -3.06
CA LYS B 21 14.28 23.57 -2.17
C LYS B 21 15.67 23.84 -2.75
N GLY B 22 15.96 23.27 -3.93
CA GLY B 22 17.24 23.46 -4.60
C GLY B 22 18.33 22.51 -4.13
N GLN B 23 17.96 21.54 -3.29
CA GLN B 23 18.86 20.49 -2.83
C GLN B 23 18.72 19.27 -3.74
N VAL B 24 19.65 19.13 -4.69
CA VAL B 24 19.52 18.13 -5.75
C VAL B 24 20.53 16.98 -5.65
N GLU B 25 21.43 17.06 -4.68
CA GLU B 25 22.54 16.11 -4.58
C GLU B 25 22.19 14.87 -3.77
N THR B 26 22.64 13.73 -4.26
CA THR B 26 22.51 12.46 -3.56
C THR B 26 23.82 11.67 -3.72
N ILE B 27 24.28 11.07 -2.63
CA ILE B 27 25.57 10.37 -2.62
C ILE B 27 25.44 8.89 -3.01
N VAL B 28 26.11 8.53 -4.10
CA VAL B 28 26.11 7.18 -4.64
C VAL B 28 26.92 6.24 -3.74
N SER B 29 26.35 5.07 -3.46
CA SER B 29 27.05 4.02 -2.71
C SER B 29 26.60 2.61 -3.12
N PHE B 30 27.49 1.64 -2.87
CA PHE B 30 27.26 0.19 -3.05
C PHE B 30 28.57 -0.59 -3.02
N GLY C 1 -29.56 16.10 -1.21
CA GLY C 1 -29.09 14.94 -0.40
C GLY C 1 -27.75 14.39 -0.86
N ALA C 2 -27.10 13.62 0.01
CA ALA C 2 -25.82 12.99 -0.31
C ALA C 2 -25.87 11.51 0.03
N MET C 3 -25.01 10.72 -0.61
CA MET C 3 -24.75 9.31 -0.28
C MET C 3 -23.39 9.13 0.38
N ALA C 4 -23.29 8.17 1.27
CA ALA C 4 -22.04 7.92 1.97
C ALA C 4 -21.01 7.39 0.97
N VAL C 5 -19.83 7.99 1.00
CA VAL C 5 -18.71 7.50 0.20
C VAL C 5 -17.49 7.34 1.10
N TYR C 6 -16.92 6.14 1.11
CA TYR C 6 -15.72 5.81 1.88
C TYR C 6 -14.58 5.46 0.93
N PRO C 7 -13.74 6.46 0.59
CA PRO C 7 -12.59 6.14 -0.28
C PRO C 7 -11.60 5.23 0.40
N CYS C 8 -11.09 4.26 -0.35
CA CYS C 8 -10.03 3.39 0.19
C CYS C 8 -8.82 4.22 0.60
N GLY C 9 -8.33 3.99 1.81
CA GLY C 9 -7.16 4.74 2.30
C GLY C 9 -5.91 4.59 1.44
N ILE C 10 -5.88 3.55 0.60
CA ILE C 10 -4.74 3.27 -0.28
C ILE C 10 -5.01 3.73 -1.71
N CYS C 11 -6.01 3.14 -2.36
CA CYS C 11 -6.25 3.42 -3.79
C CYS C 11 -7.18 4.59 -4.06
N THR C 12 -7.94 5.02 -3.03
CA THR C 12 -8.92 6.13 -3.08
C THR C 12 -10.20 5.83 -3.87
N ASN C 13 -10.28 4.65 -4.49
CA ASN C 13 -11.55 4.25 -5.07
C ASN C 13 -12.53 3.92 -3.95
N GLU C 14 -13.82 4.05 -4.25
CA GLU C 14 -14.84 3.80 -3.25
C GLU C 14 -14.73 2.37 -2.69
N VAL C 15 -14.95 2.26 -1.38
CA VAL C 15 -15.10 0.98 -0.70
C VAL C 15 -16.60 0.71 -0.57
N ASN C 16 -17.06 -0.35 -1.25
CA ASN C 16 -18.47 -0.72 -1.24
C ASN C 16 -18.72 -1.91 -0.34
N ASP C 17 -20.00 -2.12 -0.01
CA ASP C 17 -20.34 -3.17 0.94
C ASP C 17 -20.12 -4.57 0.40
N ASP C 18 -20.04 -4.70 -0.92
CA ASP C 18 -19.85 -5.99 -1.54
C ASP C 18 -18.37 -6.30 -1.84
N GLN C 19 -17.47 -5.50 -1.27
CA GLN C 19 -16.04 -5.70 -1.43
C GLN C 19 -15.41 -6.10 -0.11
N ASP C 20 -14.37 -6.95 -0.15
CA ASP C 20 -13.61 -7.28 1.06
C ASP C 20 -12.91 -5.99 1.46
N ALA C 21 -13.18 -5.50 2.66
CA ALA C 21 -12.56 -4.26 3.12
C ALA C 21 -12.59 -4.21 4.64
N ILE C 22 -11.61 -3.49 5.17
CA ILE C 22 -11.44 -3.40 6.62
C ILE C 22 -11.25 -1.95 7.08
N LEU C 23 -11.74 -1.69 8.29
CA LEU C 23 -11.69 -0.37 8.89
C LEU C 23 -10.46 -0.25 9.75
N CYS C 24 -9.72 0.84 9.58
CA CYS C 24 -8.55 1.14 10.42
C CYS C 24 -9.04 1.65 11.77
N GLU C 25 -9.34 0.72 12.66
CA GLU C 25 -9.83 1.03 14.00
C GLU C 25 -8.68 1.37 14.94
N ALA C 26 -7.45 1.12 14.51
CA ALA C 26 -6.26 1.49 15.29
C ALA C 26 -6.11 3.01 15.42
N SER C 27 -6.42 3.73 14.35
CA SER C 27 -6.32 5.20 14.39
C SER C 27 -7.21 5.95 13.42
N CYS C 28 -6.94 5.81 12.13
CA CYS C 28 -7.44 6.78 11.15
C CYS C 28 -8.93 6.62 10.78
N GLN C 29 -9.50 5.46 11.05
CA GLN C 29 -10.93 5.20 10.81
C GLN C 29 -11.32 5.34 9.35
N LYS C 30 -10.36 5.11 8.47
CA LYS C 30 -10.64 5.01 7.04
C LYS C 30 -10.90 3.54 6.70
N TRP C 31 -11.68 3.31 5.64
CA TRP C 31 -11.84 1.99 5.08
C TRP C 31 -10.73 1.67 4.08
N PHE C 32 -10.36 0.39 4.00
CA PHE C 32 -9.31 -0.03 3.08
C PHE C 32 -9.71 -1.34 2.40
N HIS C 33 -9.66 -1.40 1.07
CA HIS C 33 -9.86 -2.70 0.42
C HIS C 33 -8.87 -3.73 0.93
N ARG C 34 -9.37 -4.94 1.18
CA ARG C 34 -8.50 -6.04 1.62
C ARG C 34 -7.34 -6.22 0.64
N ILE C 35 -7.66 -6.29 -0.66
CA ILE C 35 -6.63 -6.46 -1.69
C ILE C 35 -5.55 -5.37 -1.65
N CYS C 36 -5.96 -4.11 -1.52
CA CYS C 36 -5.02 -3.02 -1.44
C CYS C 36 -4.02 -3.15 -0.28
N THR C 37 -4.49 -3.65 0.86
CA THR C 37 -3.65 -3.78 2.05
C THR C 37 -2.64 -4.91 1.93
N GLY C 38 -2.89 -5.85 1.01
CA GLY C 38 -2.12 -7.10 0.91
C GLY C 38 -2.49 -8.12 1.97
N MET C 39 -3.63 -7.94 2.61
CA MET C 39 -4.15 -8.91 3.57
C MET C 39 -4.70 -10.13 2.82
N THR C 40 -4.36 -11.31 3.32
CA THR C 40 -4.84 -12.54 2.71
C THR C 40 -6.31 -12.74 3.09
N GLU C 41 -6.98 -13.56 2.31
CA GLU C 41 -8.37 -13.90 2.58
C GLU C 41 -8.51 -14.60 3.95
N THR C 42 -7.56 -15.46 4.29
CA THR C 42 -7.60 -16.14 5.59
C THR C 42 -7.49 -15.13 6.74
N ALA C 43 -6.53 -14.20 6.63
CA ALA C 43 -6.32 -13.14 7.64
C ALA C 43 -7.57 -12.23 7.76
N TYR C 44 -8.18 -11.91 6.62
CA TYR C 44 -9.41 -11.12 6.60
C TYR C 44 -10.55 -11.82 7.38
N GLY C 45 -10.79 -13.11 7.12
CA GLY C 45 -11.82 -13.86 7.83
C GLY C 45 -11.53 -13.98 9.32
N LEU C 46 -10.28 -14.22 9.64
CA LEU C 46 -9.84 -14.31 11.04
C LEU C 46 -10.09 -13.00 11.78
N LEU C 47 -9.64 -11.88 11.22
CA LEU C 47 -9.85 -10.58 11.88
C LEU C 47 -11.32 -10.30 12.09
N THR C 48 -12.12 -10.61 11.08
CA THR C 48 -13.56 -10.47 11.17
C THR C 48 -14.09 -11.21 12.40
N ALA C 49 -13.62 -12.43 12.63
CA ALA C 49 -14.13 -13.30 13.71
C ALA C 49 -13.52 -12.96 15.08
N GLU C 50 -12.49 -12.12 15.09
CA GLU C 50 -11.82 -11.76 16.36
C GLU C 50 -12.46 -10.50 16.95
N ALA C 51 -13.44 -10.70 17.83
CA ALA C 51 -14.20 -9.59 18.40
C ALA C 51 -13.34 -8.59 19.19
N SER C 52 -12.23 -9.08 19.75
CA SER C 52 -11.29 -8.26 20.55
C SER C 52 -10.15 -7.70 19.74
N ALA C 53 -10.11 -8.04 18.45
CA ALA C 53 -9.02 -7.60 17.60
C ALA C 53 -9.42 -6.39 16.78
N VAL C 54 -8.45 -5.51 16.56
CA VAL C 54 -8.61 -4.43 15.60
C VAL C 54 -7.41 -4.41 14.68
N TRP C 55 -7.61 -3.80 13.53
CA TRP C 55 -6.57 -3.68 12.55
C TRP C 55 -6.09 -2.23 12.42
N GLY C 56 -4.81 -2.07 12.14
CA GLY C 56 -4.22 -0.77 11.81
C GLY C 56 -3.53 -0.76 10.46
N CYS C 57 -3.79 0.29 9.67
CA CYS C 57 -3.11 0.45 8.37
C CYS C 57 -1.63 0.69 8.59
N ASP C 58 -0.84 0.54 7.53
CA ASP C 58 0.63 0.61 7.65
C ASP C 58 1.09 1.95 8.23
N THR C 59 0.48 3.03 7.75
CA THR C 59 0.77 4.39 8.21
C THR C 59 0.50 4.54 9.70
N CYS C 60 -0.69 4.18 10.15
CA CYS C 60 -1.05 4.29 11.56
C CYS C 60 -0.21 3.39 12.46
N MET C 61 0.12 2.20 11.97
CA MET C 61 0.95 1.28 12.73
C MET C 61 2.37 1.83 12.89
N ALA C 62 2.90 2.43 11.83
CA ALA C 62 4.20 3.08 11.87
C ALA C 62 4.21 4.21 12.90
N ASP C 63 3.13 4.99 12.94
CA ASP C 63 2.98 6.12 13.87
C ASP C 63 3.04 5.71 15.35
N GLY D 1 -13.89 -9.16 25.87
CA GLY D 1 -13.17 -8.60 27.05
C GLY D 1 -12.93 -7.09 26.93
N ALA D 2 -12.03 -6.58 27.76
CA ALA D 2 -11.68 -5.17 27.78
C ALA D 2 -10.52 -4.87 26.85
N MET D 3 -9.61 -5.84 26.73
CA MET D 3 -8.40 -5.67 25.92
C MET D 3 -8.75 -5.54 24.44
N VAL D 4 -7.94 -4.74 23.76
CA VAL D 4 -8.03 -4.59 22.31
C VAL D 4 -6.67 -4.99 21.75
N TYR D 5 -6.68 -6.01 20.90
CA TYR D 5 -5.44 -6.55 20.35
C TYR D 5 -5.24 -6.01 18.95
N VAL D 6 -4.18 -5.23 18.77
CA VAL D 6 -3.96 -4.49 17.51
C VAL D 6 -3.04 -5.21 16.53
N PHE D 7 -3.60 -5.52 15.36
CA PHE D 7 -2.87 -6.20 14.29
C PHE D 7 -2.52 -5.25 13.13
N SER D 8 -1.28 -5.28 12.68
CA SER D 8 -0.93 -4.75 11.36
C SER D 8 -1.29 -5.79 10.32
N THR D 9 -1.19 -5.44 9.04
CA THR D 9 -1.48 -6.41 7.98
C THR D 9 -0.48 -7.58 8.02
N GLU D 10 0.80 -7.26 8.18
CA GLU D 10 1.85 -8.27 8.31
C GLU D 10 1.55 -9.27 9.45
N MET D 11 1.14 -8.75 10.61
CA MET D 11 0.83 -9.61 11.73
C MET D 11 -0.46 -10.41 11.57
N ALA D 12 -1.45 -9.83 10.91
CA ALA D 12 -2.68 -10.55 10.62
C ALA D 12 -2.41 -11.70 9.65
N ASN D 13 -1.58 -11.44 8.64
CA ASN D 13 -1.19 -12.47 7.68
C ASN D 13 -0.42 -13.62 8.34
N LYS D 14 0.55 -13.27 9.19
CA LYS D 14 1.31 -14.28 9.95
C LYS D 14 0.44 -15.04 10.94
N ALA D 15 -0.47 -14.34 11.62
CA ALA D 15 -1.42 -14.98 12.52
C ALA D 15 -2.27 -16.02 11.81
N ALA D 16 -2.79 -15.67 10.63
CA ALA D 16 -3.67 -16.58 9.88
C ALA D 16 -2.93 -17.87 9.52
N GLU D 17 -1.69 -17.73 9.05
CA GLU D 17 -0.83 -18.88 8.76
C GLU D 17 -0.62 -19.73 9.99
N ALA D 18 -0.34 -19.06 11.11
CA ALA D 18 -0.09 -19.74 12.38
C ALA D 18 -1.32 -20.54 12.86
N VAL D 19 -2.50 -19.93 12.79
CA VAL D 19 -3.73 -20.59 13.19
C VAL D 19 -3.99 -21.88 12.38
N LEU D 20 -3.81 -21.80 11.05
CA LEU D 20 -3.98 -22.96 10.18
C LEU D 20 -3.01 -24.10 10.47
N LYS D 21 -1.81 -23.74 10.94
CA LYS D 21 -0.80 -24.69 11.42
C LYS D 21 -1.02 -25.12 12.88
N GLY D 22 -2.08 -24.58 13.51
CA GLY D 22 -2.43 -24.94 14.87
C GLY D 22 -1.64 -24.19 15.93
N GLN D 23 -0.82 -23.23 15.52
CA GLN D 23 -0.10 -22.34 16.43
C GLN D 23 -0.94 -21.08 16.66
N VAL D 24 -1.90 -21.17 17.58
CA VAL D 24 -2.88 -20.11 17.82
C VAL D 24 -2.41 -19.03 18.79
N GLU D 25 -1.30 -19.28 19.49
CA GLU D 25 -0.84 -18.41 20.57
C GLU D 25 0.04 -17.24 20.13
N THR D 26 -0.11 -16.11 20.81
CA THR D 26 0.78 -14.96 20.65
C THR D 26 1.03 -14.28 22.00
N ILE D 27 2.29 -13.98 22.28
CA ILE D 27 2.69 -13.44 23.59
C ILE D 27 2.47 -11.93 23.66
N VAL D 28 1.62 -11.51 24.61
CA VAL D 28 1.26 -10.10 24.81
C VAL D 28 2.38 -9.36 25.55
N SER D 29 2.85 -8.27 24.95
CA SER D 29 3.75 -7.33 25.62
C SER D 29 3.60 -5.92 25.07
N PHE D 30 3.39 -4.95 25.97
CA PHE D 30 3.31 -3.53 25.60
C PHE D 30 3.98 -2.63 26.64
N ALA E 1 12.62 7.25 -15.15
CA ALA E 1 11.73 6.08 -14.88
C ALA E 1 10.56 6.06 -15.84
C1 DA2 E 2 4.84 2.24 -22.33
C2 DA2 E 2 5.49 0.05 -23.26
N DA2 E 2 10.12 4.85 -16.19
CA DA2 E 2 9.00 4.70 -17.10
CB DA2 E 2 9.03 3.30 -17.73
CG DA2 E 2 7.93 3.22 -18.77
CD DA2 E 2 8.11 1.99 -19.63
NE DA2 E 2 7.02 2.02 -20.58
CZ DA2 E 2 6.79 1.05 -21.45
NH2 DA2 E 2 7.59 -0.01 -21.43
NH1 DA2 E 2 5.76 1.11 -22.29
C DA2 E 2 7.68 4.93 -16.41
O DA2 E 2 7.31 4.17 -15.50
N THR E 3 6.94 5.94 -16.84
CA THR E 3 5.60 6.24 -16.32
C THR E 3 4.65 6.48 -17.46
N MLY E 4 3.38 6.76 -17.14
CA MLY E 4 2.42 7.16 -18.17
CB MLY E 4 0.98 6.93 -17.69
CG MLY E 4 0.71 5.47 -17.36
CD MLY E 4 0.74 4.56 -18.58
CE MLY E 4 0.48 3.10 -18.21
NZ MLY E 4 0.32 2.22 -19.40
CH1 MLY E 4 -0.10 0.90 -18.90
CH2 MLY E 4 1.57 2.09 -20.14
C MLY E 4 2.66 8.56 -18.69
O MLY E 4 2.10 8.96 -19.72
N GLN E 5 3.52 9.30 -18.00
CA GLN E 5 3.86 10.68 -18.38
C GLN E 5 5.03 10.67 -19.38
N THR E 6 5.76 9.56 -19.45
CA THR E 6 6.91 9.40 -20.36
C THR E 6 6.50 9.64 -21.82
N ALA E 7 7.27 10.47 -22.53
CA ALA E 7 6.90 10.90 -23.89
C ALA E 7 6.80 9.74 -24.89
N ALA F 1 -12.39 -7.42 14.51
CA ALA F 1 -12.17 -6.16 13.74
C ALA F 1 -13.35 -5.92 12.83
C1 DA2 F 2 -20.45 -1.05 8.82
C1 DA2 F 2 -18.90 -2.41 15.83
C2 DA2 F 2 -20.20 1.35 9.10
C2 DA2 F 2 -20.71 -3.58 14.65
N DA2 F 2 -13.73 -4.66 12.63
N DA2 F 2 -13.68 -4.64 12.62
CA DA2 F 2 -14.87 -4.32 11.76
CA DA2 F 2 -14.79 -4.23 11.75
CB DA2 F 2 -15.53 -2.97 12.08
CB DA2 F 2 -15.13 -2.78 12.06
CG DA2 F 2 -16.87 -2.87 11.35
CG DA2 F 2 -16.47 -2.36 11.45
CD DA2 F 2 -17.86 -1.95 12.05
CD DA2 F 2 -17.09 -1.17 12.18
NE DA2 F 2 -18.72 -1.45 10.97
NE DA2 F 2 -17.84 -1.69 13.31
CZ DA2 F 2 -19.00 -0.19 10.62
CZ DA2 F 2 -18.97 -2.43 13.35
NH2 DA2 F 2 -18.45 0.82 11.28
NH2 DA2 F 2 -19.59 -2.81 12.23
NH1 DA2 F 2 -19.83 0.02 9.58
NH1 DA2 F 2 -19.50 -2.78 14.54
C DA2 F 2 -14.43 -4.37 10.32
C DA2 F 2 -14.38 -4.40 10.30
O DA2 F 2 -13.49 -3.68 9.90
O DA2 F 2 -13.41 -3.78 9.85
N THR F 3 -15.12 -5.22 9.57
CA THR F 3 -14.88 -5.42 8.15
C THR F 3 -16.22 -5.42 7.45
N MLY F 4 -16.21 -5.58 6.13
CA MLY F 4 -17.46 -5.68 5.36
CB MLY F 4 -17.22 -5.38 3.88
CG MLY F 4 -16.84 -3.91 3.61
CD MLY F 4 -17.91 -2.92 4.06
CE MLY F 4 -17.53 -1.47 3.72
NZ MLY F 4 -18.63 -0.51 3.91
CH1 MLY F 4 -18.23 0.82 3.42
CH2 MLY F 4 -19.02 -0.40 5.33
C MLY F 4 -18.13 -7.00 5.57
O MLY F 4 -19.29 -7.17 5.22
N GLN F 5 -17.41 -7.95 6.18
CA GLN F 5 -17.93 -9.27 6.47
C GLN F 5 -18.60 -9.34 7.85
N THR F 6 -18.43 -8.29 8.65
CA THR F 6 -19.08 -8.22 9.98
C THR F 6 -20.61 -8.27 9.83
N ALA F 7 -21.25 -9.07 10.69
CA ALA F 7 -22.71 -9.21 10.70
C ALA F 7 -23.40 -7.99 11.29
C1 GOL G . -7.09 4.69 -10.35
O1 GOL G . -6.84 4.00 -9.15
C2 GOL G . -7.43 6.16 -10.09
O2 GOL G . -8.44 6.26 -9.11
C3 GOL G . -6.18 6.91 -9.65
O3 GOL G . -5.23 6.90 -10.71
ZN ZN H . -3.87 0.84 -8.14
ZN ZN I . 8.00 -4.39 -7.78
ZN ZN J . -8.31 0.21 -2.45
ZN ZN K . -5.01 4.01 9.66
#